data_5TBS
#
_entry.id   5TBS
#
_cell.length_a   100.827
_cell.length_b   100.827
_cell.length_c   100.827
_cell.angle_alpha   90.000
_cell.angle_beta   90.000
_cell.angle_gamma   90.000
#
_symmetry.space_group_name_H-M   'P 21 3'
#
loop_
_entity.id
_entity.type
_entity.pdbx_description
1 polymer 'Purine nucleoside phosphorylase'
2 non-polymer ADENINE
3 non-polymer 'DIMETHYL SULFOXIDE'
4 water water
#
_entity_poly.entity_id   1
_entity_poly.type   'polypeptide(L)'
_entity_poly.pdbx_seq_one_letter_code
;MTTPVVANYENASMAADYIKRVSNVLPDIGIICGSGLGKLIEEIEERKVIPYINIPNFPKTTVAGHVGNLVLGSVGGRKI
VAMQGRLHMYEGYSNQEIALPIRVMKLLGVRVLLITNLAGGINRKLKSGDFVLIKGHINFPGLGLNNVLVGPNQDEFGPR
FPDLSNAYDRLLQQLALKIAQENDFQDLVHEGVYAFNGGPTYESPDESNMLLKLGCDVVGMSTVPEVIIACHCGIKVLAV
SLIANNSILDAENDVSINHEKVLAVAEKRADLLQMWFKEIITRLPLD
;
_entity_poly.pdbx_strand_id   A
#
# COMPACT_ATOMS: atom_id res chain seq x y z
N THR A 3 -20.15 -8.05 -15.38
CA THR A 3 -20.25 -9.49 -15.23
C THR A 3 -19.07 -10.08 -14.41
N PRO A 4 -17.85 -9.56 -14.58
CA PRO A 4 -16.79 -9.81 -13.59
C PRO A 4 -16.82 -8.88 -12.38
N VAL A 5 -17.88 -8.10 -12.25
CA VAL A 5 -18.23 -7.20 -11.14
C VAL A 5 -17.39 -5.92 -11.20
N VAL A 6 -18.03 -4.88 -11.71
CA VAL A 6 -17.45 -3.56 -11.84
C VAL A 6 -17.40 -2.92 -10.45
N ALA A 7 -16.35 -2.11 -10.20
CA ALA A 7 -16.17 -1.39 -8.95
C ALA A 7 -17.01 -0.10 -8.96
N ASN A 8 -18.32 -0.26 -9.09
CA ASN A 8 -19.21 0.90 -9.23
C ASN A 8 -19.90 1.18 -7.88
N TYR A 9 -20.74 2.22 -7.88
CA TYR A 9 -21.34 2.72 -6.63
C TYR A 9 -22.31 1.70 -6.01
N GLU A 10 -23.14 1.07 -6.84
CA GLU A 10 -24.09 0.06 -6.36
C GLU A 10 -23.36 -1.13 -5.74
N ASN A 11 -22.33 -1.64 -6.43
CA ASN A 11 -21.65 -2.87 -5.97
C ASN A 11 -20.84 -2.59 -4.72
N ALA A 12 -20.16 -1.44 -4.66
CA ALA A 12 -19.43 -1.08 -3.44
C ALA A 12 -20.40 -0.88 -2.26
N SER A 13 -21.58 -0.31 -2.51
CA SER A 13 -22.53 -0.10 -1.41
C SER A 13 -23.09 -1.41 -0.86
N MET A 14 -23.20 -2.46 -1.69
CA MET A 14 -23.67 -3.73 -1.16
C MET A 14 -22.63 -4.36 -0.23
N ALA A 15 -21.36 -4.23 -0.58
CA ALA A 15 -20.27 -4.71 0.28
C ALA A 15 -20.22 -3.93 1.57
N ALA A 16 -20.30 -2.60 1.47
CA ALA A 16 -20.28 -1.76 2.68
C ALA A 16 -21.44 -2.09 3.60
N ASP A 17 -22.63 -2.34 3.03
CA ASP A 17 -23.81 -2.64 3.83
C ASP A 17 -23.64 -3.94 4.61
N TYR A 18 -23.11 -4.99 3.97
CA TYR A 18 -22.80 -6.22 4.70
C TYR A 18 -21.79 -5.99 5.82
N ILE A 19 -20.67 -5.29 5.51
CA ILE A 19 -19.65 -5.01 6.51
C ILE A 19 -20.26 -4.22 7.68
N LYS A 20 -21.08 -3.22 7.39
CA LYS A 20 -21.61 -2.36 8.45
C LYS A 20 -22.51 -3.11 9.41
N ARG A 21 -23.21 -4.16 8.96
CA ARG A 21 -24.12 -4.86 9.83
C ARG A 21 -23.50 -6.06 10.53
N VAL A 22 -22.27 -6.42 10.20
CA VAL A 22 -21.54 -7.49 10.86
C VAL A 22 -20.56 -6.96 11.90
N SER A 23 -20.13 -5.70 11.80
CA SER A 23 -19.36 -5.05 12.85
C SER A 23 -20.02 -3.72 13.16
N ASN A 24 -19.61 -3.10 14.26
CA ASN A 24 -20.18 -1.84 14.68
C ASN A 24 -19.23 -0.68 14.43
N VAL A 25 -18.16 -0.93 13.70
CA VAL A 25 -17.09 0.03 13.56
C VAL A 25 -17.36 0.92 12.35
N LEU A 26 -17.36 2.23 12.57
CA LEU A 26 -17.27 3.18 11.47
C LEU A 26 -15.83 3.64 11.40
N PRO A 27 -15.01 3.09 10.52
CA PRO A 27 -13.59 3.46 10.54
C PRO A 27 -13.32 4.81 9.89
N ASP A 28 -12.34 5.53 10.45
CA ASP A 28 -11.77 6.76 9.89
C ASP A 28 -10.47 6.53 9.11
N ILE A 29 -9.76 5.42 9.35
CA ILE A 29 -8.43 5.17 8.81
C ILE A 29 -8.40 3.78 8.18
N GLY A 30 -7.78 3.66 6.99
CA GLY A 30 -7.59 2.37 6.35
C GLY A 30 -6.11 2.05 6.36
N ILE A 31 -5.75 0.75 6.45
CA ILE A 31 -4.35 0.35 6.38
C ILE A 31 -4.19 -0.88 5.48
N ILE A 32 -3.11 -0.87 4.68
CA ILE A 32 -2.73 -2.00 3.82
C ILE A 32 -1.26 -2.30 4.10
N CYS A 33 -0.97 -3.51 4.59
CA CYS A 33 0.37 -3.85 5.09
C CYS A 33 1.12 -4.79 4.16
N GLY A 34 2.43 -4.54 4.00
CA GLY A 34 3.28 -5.43 3.20
C GLY A 34 3.50 -6.80 3.84
N SER A 35 3.95 -7.74 3.02
CA SER A 35 4.06 -9.12 3.47
C SER A 35 5.14 -9.24 4.53
N GLY A 36 4.81 -9.93 5.62
CA GLY A 36 5.66 -9.97 6.80
C GLY A 36 5.57 -8.75 7.69
N LEU A 37 4.82 -7.72 7.27
CA LEU A 37 4.69 -6.46 8.00
C LEU A 37 3.30 -6.28 8.63
N GLY A 38 2.55 -7.35 8.85
CA GLY A 38 1.17 -7.25 9.29
C GLY A 38 0.90 -7.45 10.77
N LYS A 39 1.93 -7.46 11.61
CA LYS A 39 1.73 -7.79 13.01
C LYS A 39 0.75 -6.82 13.68
N LEU A 40 0.72 -5.55 13.25
CA LEU A 40 -0.19 -4.58 13.86
C LEU A 40 -1.63 -5.05 13.78
N ILE A 41 -1.99 -5.76 12.70
CA ILE A 41 -3.37 -6.18 12.49
C ILE A 41 -3.79 -7.21 13.55
N GLU A 42 -2.85 -8.01 14.08
CA GLU A 42 -3.15 -8.88 15.22
C GLU A 42 -3.37 -8.14 16.53
N GLU A 43 -2.88 -6.91 16.65
CA GLU A 43 -3.04 -6.14 17.88
C GLU A 43 -4.27 -5.24 17.84
N ILE A 44 -5.08 -5.30 16.79
CA ILE A 44 -6.26 -4.46 16.75
C ILE A 44 -7.21 -4.83 17.88
N GLU A 45 -7.62 -3.83 18.67
CA GLU A 45 -8.48 -4.05 19.82
C GLU A 45 -9.94 -4.18 19.44
N GLU A 46 -10.65 -5.04 20.16
CA GLU A 46 -12.07 -5.36 19.92
C GLU A 46 -12.34 -5.59 18.43
N ARG A 47 -11.57 -6.51 17.85
CA ARG A 47 -11.52 -6.64 16.41
C ARG A 47 -12.60 -7.58 15.90
N LYS A 48 -13.02 -7.33 14.68
CA LYS A 48 -13.91 -8.20 13.91
C LYS A 48 -13.19 -8.63 12.65
N VAL A 49 -13.04 -9.95 12.46
CA VAL A 49 -12.38 -10.53 11.28
C VAL A 49 -13.44 -10.99 10.28
N ILE A 50 -13.41 -10.44 9.06
CA ILE A 50 -14.38 -10.76 8.01
C ILE A 50 -13.69 -11.31 6.77
N PRO A 51 -13.78 -12.63 6.50
CA PRO A 51 -13.11 -13.18 5.31
C PRO A 51 -13.65 -12.53 4.04
N TYR A 52 -12.74 -12.22 3.09
CA TYR A 52 -13.18 -11.66 1.81
C TYR A 52 -14.28 -12.49 1.18
N ILE A 53 -14.16 -13.82 1.28
CA ILE A 53 -15.07 -14.72 0.61
C ILE A 53 -16.49 -14.59 1.14
N ASN A 54 -16.67 -14.05 2.34
CA ASN A 54 -18.00 -13.80 2.88
C ASN A 54 -18.63 -12.48 2.43
N ILE A 55 -17.89 -11.54 1.85
CA ILE A 55 -18.40 -10.19 1.59
C ILE A 55 -18.93 -10.09 0.16
N PRO A 56 -20.18 -9.64 -0.05
CA PRO A 56 -20.73 -9.47 -1.41
C PRO A 56 -19.81 -8.63 -2.28
N ASN A 57 -19.54 -9.14 -3.49
CA ASN A 57 -18.79 -8.47 -4.55
C ASN A 57 -17.28 -8.40 -4.31
N PHE A 58 -16.75 -8.94 -3.22
CA PHE A 58 -15.30 -8.90 -3.06
C PHE A 58 -14.65 -9.88 -4.04
N PRO A 59 -13.43 -9.59 -4.48
CA PRO A 59 -12.78 -10.44 -5.50
C PRO A 59 -12.47 -11.84 -5.02
N LYS A 60 -12.53 -12.80 -5.94
CA LYS A 60 -12.20 -14.19 -5.62
C LYS A 60 -10.68 -14.37 -5.54
N THR A 61 -10.18 -14.94 -4.43
CA THR A 61 -8.73 -15.08 -4.25
C THR A 61 -8.30 -16.52 -4.00
N THR A 62 -9.13 -17.51 -4.32
CA THR A 62 -8.79 -18.90 -4.01
C THR A 62 -7.71 -19.50 -4.91
N VAL A 63 -7.50 -18.95 -6.12
CA VAL A 63 -6.43 -19.49 -6.98
C VAL A 63 -5.06 -19.24 -6.34
N ALA A 64 -4.84 -18.02 -5.84
CA ALA A 64 -3.60 -17.72 -5.13
C ALA A 64 -3.55 -18.37 -3.76
N GLY A 65 -4.71 -18.53 -3.08
CA GLY A 65 -4.70 -19.07 -1.73
C GLY A 65 -4.22 -18.06 -0.70
N HIS A 66 -3.91 -18.55 0.50
CA HIS A 66 -3.33 -17.76 1.60
C HIS A 66 -4.37 -16.78 2.16
N VAL A 67 -3.99 -16.00 3.18
CA VAL A 67 -4.97 -15.24 3.96
C VAL A 67 -5.65 -14.16 3.12
N GLY A 68 -6.94 -13.95 3.38
CA GLY A 68 -7.63 -12.80 2.82
C GLY A 68 -8.81 -12.36 3.66
N ASN A 69 -8.60 -11.41 4.61
CA ASN A 69 -9.63 -10.91 5.53
C ASN A 69 -9.62 -9.38 5.60
N LEU A 70 -10.77 -8.81 5.94
CA LEU A 70 -10.90 -7.43 6.36
C LEU A 70 -11.00 -7.44 7.88
N VAL A 71 -10.25 -6.57 8.57
CA VAL A 71 -10.24 -6.56 10.02
C VAL A 71 -10.60 -5.16 10.52
N LEU A 72 -11.61 -5.07 11.39
CA LEU A 72 -12.08 -3.77 11.89
C LEU A 72 -11.90 -3.71 13.40
N GLY A 73 -11.60 -2.53 13.93
CA GLY A 73 -11.37 -2.38 15.36
C GLY A 73 -10.65 -1.07 15.67
N SER A 74 -10.01 -1.03 16.83
CA SER A 74 -9.42 0.20 17.38
C SER A 74 -7.91 0.08 17.53
N VAL A 75 -7.19 1.14 17.14
CA VAL A 75 -5.75 1.27 17.40
C VAL A 75 -5.52 2.68 17.92
N GLY A 76 -4.83 2.79 19.06
CA GLY A 76 -4.56 4.09 19.65
C GLY A 76 -5.78 4.95 19.91
N GLY A 77 -6.94 4.33 20.15
CA GLY A 77 -8.17 5.06 20.29
C GLY A 77 -8.82 5.49 18.99
N ARG A 78 -8.26 5.11 17.84
CA ARG A 78 -8.82 5.43 16.54
C ARG A 78 -9.45 4.19 15.92
N LYS A 79 -10.45 4.39 15.09
CA LYS A 79 -11.21 3.31 14.48
C LYS A 79 -10.66 3.04 13.09
N ILE A 80 -10.32 1.78 12.80
CA ILE A 80 -9.59 1.49 11.57
C ILE A 80 -10.17 0.24 10.90
N VAL A 81 -9.93 0.15 9.59
CA VAL A 81 -10.20 -1.06 8.82
C VAL A 81 -8.90 -1.46 8.13
N ALA A 82 -8.55 -2.75 8.19
CA ALA A 82 -7.32 -3.27 7.59
C ALA A 82 -7.59 -4.34 6.53
N MET A 83 -6.79 -4.33 5.46
CA MET A 83 -6.77 -5.44 4.49
C MET A 83 -5.66 -6.41 4.89
N GLN A 84 -6.01 -7.66 5.18
CA GLN A 84 -5.06 -8.69 5.62
C GLN A 84 -4.92 -9.66 4.46
N GLY A 85 -3.84 -9.53 3.70
CA GLY A 85 -3.61 -10.35 2.52
C GLY A 85 -3.88 -9.48 1.29
N ARG A 86 -2.84 -8.81 0.83
CA ARG A 86 -2.99 -7.80 -0.20
C ARG A 86 -3.25 -8.40 -1.59
N LEU A 87 -3.94 -7.64 -2.44
CA LEU A 87 -4.18 -8.03 -3.83
C LEU A 87 -3.14 -7.34 -4.70
N HIS A 88 -2.32 -8.11 -5.45
CA HIS A 88 -1.29 -7.53 -6.31
C HIS A 88 -1.64 -7.74 -7.79
N MET A 89 -1.35 -6.74 -8.65
CA MET A 89 -1.73 -6.89 -10.07
C MET A 89 -0.91 -7.98 -10.79
N TYR A 90 0.30 -8.32 -10.32
CA TYR A 90 1.03 -9.40 -11.00
C TYR A 90 0.37 -10.78 -10.79
N GLU A 91 -0.58 -10.91 -9.85
CA GLU A 91 -1.33 -12.15 -9.67
C GLU A 91 -2.42 -12.32 -10.72
N GLY A 92 -2.68 -11.28 -11.51
CA GLY A 92 -3.72 -11.35 -12.52
C GLY A 92 -5.03 -10.70 -12.13
N TYR A 93 -5.13 -10.07 -10.94
CA TYR A 93 -6.36 -9.34 -10.61
C TYR A 93 -6.58 -8.20 -11.60
N SER A 94 -7.85 -7.92 -11.93
CA SER A 94 -8.20 -6.83 -12.85
C SER A 94 -8.27 -5.47 -12.13
N ASN A 95 -8.31 -4.39 -12.95
CA ASN A 95 -8.51 -3.04 -12.43
C ASN A 95 -9.71 -2.98 -11.49
N GLN A 96 -10.81 -3.67 -11.86
CA GLN A 96 -12.03 -3.56 -11.04
C GLN A 96 -11.88 -4.29 -9.69
N GLU A 97 -11.12 -5.39 -9.66
CA GLU A 97 -10.91 -6.13 -8.41
C GLU A 97 -10.05 -5.34 -7.43
N ILE A 98 -9.00 -4.64 -7.93
CA ILE A 98 -8.15 -3.80 -7.07
C ILE A 98 -8.93 -2.64 -6.47
N ALA A 99 -9.78 -2.00 -7.29
CA ALA A 99 -10.43 -0.76 -6.91
C ALA A 99 -11.59 -0.96 -5.93
N LEU A 100 -12.26 -2.12 -5.96
CA LEU A 100 -13.50 -2.24 -5.18
C LEU A 100 -13.23 -2.13 -3.68
N PRO A 101 -12.22 -2.79 -3.10
CA PRO A 101 -12.03 -2.66 -1.65
C PRO A 101 -11.71 -1.24 -1.20
N ILE A 102 -10.93 -0.48 -1.99
CA ILE A 102 -10.66 0.92 -1.63
C ILE A 102 -11.95 1.74 -1.66
N ARG A 103 -12.78 1.55 -2.70
CA ARG A 103 -14.04 2.29 -2.76
C ARG A 103 -15.00 1.88 -1.64
N VAL A 104 -14.90 0.63 -1.18
CA VAL A 104 -15.67 0.24 0.00
C VAL A 104 -15.16 0.99 1.23
N MET A 105 -13.83 1.14 1.35
CA MET A 105 -13.29 1.90 2.46
C MET A 105 -13.86 3.31 2.47
N LYS A 106 -13.95 3.94 1.29
CA LYS A 106 -14.50 5.29 1.15
C LYS A 106 -15.92 5.35 1.69
N LEU A 107 -16.77 4.41 1.27
CA LEU A 107 -18.18 4.40 1.69
C LEU A 107 -18.34 4.11 3.18
N LEU A 108 -17.37 3.41 3.78
CA LEU A 108 -17.39 3.20 5.23
C LEU A 108 -16.99 4.46 6.00
N GLY A 109 -16.36 5.45 5.36
CA GLY A 109 -15.98 6.69 5.99
C GLY A 109 -14.47 6.93 6.11
N VAL A 110 -13.62 6.06 5.55
CA VAL A 110 -12.17 6.24 5.57
C VAL A 110 -11.78 7.57 4.93
N ARG A 111 -10.98 8.36 5.64
CA ARG A 111 -10.45 9.61 5.10
C ARG A 111 -8.94 9.60 4.90
N VAL A 112 -8.21 8.62 5.48
CA VAL A 112 -6.77 8.50 5.36
C VAL A 112 -6.41 7.02 5.16
N LEU A 113 -5.50 6.75 4.22
CA LEU A 113 -5.05 5.39 3.94
C LEU A 113 -3.54 5.30 4.17
N LEU A 114 -3.12 4.35 5.02
CA LEU A 114 -1.70 4.12 5.31
C LEU A 114 -1.26 2.81 4.67
N ILE A 115 -0.13 2.84 3.95
CA ILE A 115 0.30 1.70 3.13
C ILE A 115 1.79 1.43 3.37
N THR A 116 2.15 0.15 3.58
CA THR A 116 3.57 -0.21 3.58
C THR A 116 3.85 -1.30 2.54
N ASN A 117 5.10 -1.35 2.07
CA ASN A 117 5.51 -2.37 1.10
C ASN A 117 7.00 -2.67 1.29
N LEU A 118 7.46 -3.76 0.66
CA LEU A 118 8.86 -4.08 0.46
C LEU A 118 9.28 -3.66 -0.96
N ALA A 119 10.51 -3.15 -1.12
CA ALA A 119 10.94 -2.58 -2.40
C ALA A 119 12.46 -2.69 -2.56
N GLY A 120 12.93 -2.57 -3.80
CA GLY A 120 14.37 -2.55 -4.05
C GLY A 120 14.91 -1.12 -4.04
N GLY A 121 16.11 -0.93 -3.49
CA GLY A 121 16.75 0.37 -3.49
C GLY A 121 17.54 0.64 -4.77
N ILE A 122 17.34 1.84 -5.34
CA ILE A 122 18.09 2.29 -6.52
C ILE A 122 19.08 3.40 -6.16
N ASN A 123 18.60 4.43 -5.47
CA ASN A 123 19.44 5.52 -4.99
C ASN A 123 20.59 4.99 -4.15
N ARG A 124 21.82 5.49 -4.41
CA ARG A 124 22.95 4.87 -3.72
C ARG A 124 22.96 5.15 -2.23
N LYS A 125 22.15 6.10 -1.73
CA LYS A 125 22.11 6.35 -0.29
C LYS A 125 21.34 5.28 0.48
N LEU A 126 20.58 4.41 -0.18
CA LEU A 126 19.72 3.43 0.52
C LEU A 126 20.42 2.09 0.78
N LYS A 127 20.25 1.58 2.00
CA LYS A 127 20.77 0.30 2.47
C LYS A 127 19.63 -0.62 2.87
N SER A 128 19.92 -1.91 2.89
CA SER A 128 19.00 -2.88 3.43
C SER A 128 18.53 -2.46 4.84
N GLY A 129 17.22 -2.51 5.06
CA GLY A 129 16.65 -2.15 6.35
C GLY A 129 16.26 -0.68 6.49
N ASP A 130 16.53 0.16 5.48
CA ASP A 130 16.10 1.55 5.55
C ASP A 130 14.61 1.69 5.18
N PHE A 131 14.02 2.83 5.53
CA PHE A 131 12.64 3.15 5.18
C PHE A 131 12.64 4.33 4.21
N VAL A 132 11.73 4.33 3.24
CA VAL A 132 11.56 5.48 2.33
C VAL A 132 10.12 5.97 2.38
N LEU A 133 9.95 7.24 2.77
CA LEU A 133 8.67 7.95 2.65
C LEU A 133 8.50 8.35 1.19
N ILE A 134 7.47 7.81 0.54
CA ILE A 134 7.29 8.02 -0.89
C ILE A 134 6.73 9.42 -1.14
N LYS A 135 7.39 10.19 -2.01
CA LYS A 135 6.88 11.53 -2.26
C LYS A 135 6.33 11.73 -3.67
N GLY A 136 6.36 10.70 -4.51
CA GLY A 136 5.94 10.82 -5.92
C GLY A 136 6.23 9.47 -6.55
N HIS A 137 5.75 9.29 -7.79
CA HIS A 137 5.96 7.98 -8.41
C HIS A 137 6.14 8.11 -9.93
N ILE A 138 6.68 7.05 -10.52
CA ILE A 138 6.71 6.85 -11.96
C ILE A 138 5.96 5.56 -12.27
N ASN A 139 4.83 5.68 -12.94
CA ASN A 139 3.88 4.56 -13.09
C ASN A 139 4.04 3.95 -14.49
N PHE A 140 4.98 3.00 -14.64
CA PHE A 140 5.20 2.46 -15.99
C PHE A 140 3.96 1.72 -16.53
N PRO A 141 3.19 0.98 -15.73
CA PRO A 141 1.91 0.45 -16.28
C PRO A 141 0.96 1.53 -16.77
N GLY A 142 0.82 2.66 -16.03
CA GLY A 142 -0.06 3.75 -16.47
C GLY A 142 0.38 4.38 -17.79
N LEU A 143 1.68 4.64 -17.94
CA LEU A 143 2.14 5.18 -19.22
C LEU A 143 1.82 4.23 -20.38
N GLY A 144 1.94 2.91 -20.13
CA GLY A 144 1.69 1.85 -21.12
C GLY A 144 0.29 1.24 -21.25
N LEU A 145 -0.79 1.99 -20.91
CA LEU A 145 -2.21 1.62 -21.11
C LEU A 145 -2.72 0.53 -20.13
N ASN A 146 -2.03 0.32 -19.01
CA ASN A 146 -2.52 -0.55 -17.92
C ASN A 146 -2.75 0.22 -16.60
N ASN A 147 -3.06 1.52 -16.67
CA ASN A 147 -3.39 2.30 -15.47
C ASN A 147 -4.60 1.65 -14.81
N VAL A 148 -4.64 1.65 -13.47
CA VAL A 148 -5.75 1.05 -12.72
C VAL A 148 -7.11 1.70 -13.06
N LEU A 149 -7.11 2.93 -13.61
CA LEU A 149 -8.38 3.61 -13.90
C LEU A 149 -8.85 3.44 -15.33
N VAL A 150 -8.11 2.69 -16.18
CA VAL A 150 -8.59 2.44 -17.56
C VAL A 150 -9.94 1.74 -17.49
N GLY A 151 -10.91 2.23 -18.27
CA GLY A 151 -12.28 1.73 -18.22
C GLY A 151 -13.23 2.91 -18.08
N PRO A 152 -14.53 2.63 -17.98
CA PRO A 152 -15.48 3.72 -17.72
C PRO A 152 -15.17 4.39 -16.39
N ASN A 153 -15.40 5.72 -16.31
CA ASN A 153 -15.24 6.40 -15.01
C ASN A 153 -16.49 6.17 -14.15
N GLN A 154 -16.28 5.97 -12.84
CA GLN A 154 -17.38 5.86 -11.87
C GLN A 154 -17.54 7.24 -11.24
N ASP A 155 -18.48 8.02 -11.79
CA ASP A 155 -18.60 9.45 -11.47
C ASP A 155 -18.88 9.72 -9.98
N GLU A 156 -19.60 8.83 -9.29
CA GLU A 156 -19.92 9.11 -7.88
C GLU A 156 -18.66 9.16 -7.00
N PHE A 157 -17.57 8.56 -7.46
CA PHE A 157 -16.34 8.46 -6.66
C PHE A 157 -15.34 9.56 -7.02
N GLY A 158 -15.26 9.97 -8.28
CA GLY A 158 -14.32 11.00 -8.65
C GLY A 158 -14.34 11.36 -10.13
N PRO A 159 -13.41 12.22 -10.55
CA PRO A 159 -13.43 12.76 -11.93
C PRO A 159 -12.76 11.84 -12.94
N ARG A 160 -13.13 12.05 -14.23
CA ARG A 160 -12.55 11.28 -15.33
C ARG A 160 -11.01 11.38 -15.35
N PHE A 161 -10.45 12.60 -15.18
CA PHE A 161 -9.00 12.86 -15.31
C PHE A 161 -8.43 13.36 -13.99
N PRO A 162 -8.01 12.49 -13.08
CA PRO A 162 -7.45 12.97 -11.80
C PRO A 162 -6.07 13.58 -11.96
N ASP A 163 -5.81 14.58 -11.13
CA ASP A 163 -4.50 15.17 -10.93
C ASP A 163 -3.81 14.49 -9.74
N LEU A 164 -2.57 14.02 -9.94
CA LEU A 164 -1.86 13.28 -8.89
C LEU A 164 -0.80 14.13 -8.19
N SER A 165 -0.83 15.47 -8.35
CA SER A 165 0.20 16.35 -7.78
C SER A 165 0.30 16.22 -6.27
N ASN A 166 -0.83 15.95 -5.61
CA ASN A 166 -0.87 15.90 -4.15
C ASN A 166 -1.28 14.52 -3.64
N ALA A 167 -1.05 13.47 -4.43
CA ALA A 167 -1.47 12.13 -4.00
C ALA A 167 -0.80 11.68 -2.70
N TYR A 168 0.47 12.08 -2.46
CA TYR A 168 1.20 11.70 -1.24
C TYR A 168 1.17 12.90 -0.32
N ASP A 169 0.33 12.84 0.73
CA ASP A 169 0.08 14.01 1.56
C ASP A 169 1.35 14.53 2.23
N ARG A 170 1.61 15.84 2.08
CA ARG A 170 2.86 16.40 2.60
C ARG A 170 2.88 16.43 4.13
N LEU A 171 1.75 16.82 4.76
CA LEU A 171 1.75 16.87 6.23
C LEU A 171 1.87 15.48 6.87
N LEU A 172 1.35 14.43 6.23
CA LEU A 172 1.55 13.08 6.76
C LEU A 172 3.00 12.63 6.65
N GLN A 173 3.73 13.01 5.59
CA GLN A 173 5.16 12.71 5.54
C GLN A 173 5.91 13.40 6.67
N GLN A 174 5.58 14.67 6.94
CA GLN A 174 6.26 15.40 8.01
C GLN A 174 5.95 14.80 9.38
N LEU A 175 4.72 14.33 9.58
CA LEU A 175 4.39 13.67 10.85
C LEU A 175 5.15 12.35 11.03
N ALA A 176 5.23 11.52 9.98
CA ALA A 176 5.95 10.27 10.12
C ALA A 176 7.43 10.51 10.41
N LEU A 177 8.02 11.53 9.80
CA LEU A 177 9.41 11.88 10.06
C LEU A 177 9.60 12.40 11.48
N LYS A 178 8.68 13.25 11.96
CA LYS A 178 8.81 13.77 13.31
C LYS A 178 8.87 12.64 14.33
N ILE A 179 8.03 11.61 14.13
CA ILE A 179 7.95 10.53 15.12
C ILE A 179 9.24 9.71 15.11
N ALA A 180 9.83 9.51 13.92
CA ALA A 180 11.13 8.84 13.87
C ALA A 180 12.21 9.64 14.61
N GLN A 181 12.14 10.97 14.53
CA GLN A 181 13.09 11.80 15.29
C GLN A 181 12.87 11.66 16.80
N GLU A 182 11.61 11.67 17.26
CA GLU A 182 11.35 11.55 18.70
C GLU A 182 11.80 10.21 19.28
N ASN A 183 11.93 9.18 18.45
CA ASN A 183 12.39 7.86 18.86
C ASN A 183 13.80 7.57 18.38
N ASP A 184 14.49 8.58 17.83
CA ASP A 184 15.91 8.48 17.46
C ASP A 184 16.19 7.33 16.46
N PHE A 185 15.31 7.13 15.45
CA PHE A 185 15.71 6.27 14.33
C PHE A 185 15.58 6.98 12.99
N GLN A 186 15.66 8.33 13.00
CA GLN A 186 15.56 9.11 11.77
C GLN A 186 16.76 8.86 10.84
N ASP A 187 17.85 8.31 11.37
CA ASP A 187 18.95 7.90 10.50
C ASP A 187 18.53 6.77 9.53
N LEU A 188 17.41 6.09 9.80
CA LEU A 188 16.94 5.05 8.89
C LEU A 188 15.97 5.57 7.83
N VAL A 189 15.55 6.83 7.89
CA VAL A 189 14.39 7.31 7.13
C VAL A 189 14.83 8.28 6.03
N HIS A 190 14.46 7.97 4.79
CA HIS A 190 14.73 8.79 3.61
C HIS A 190 13.41 9.17 2.95
N GLU A 191 13.47 10.07 1.96
CA GLU A 191 12.31 10.32 1.12
C GLU A 191 12.68 9.99 -0.33
N GLY A 192 11.71 9.62 -1.15
CA GLY A 192 12.13 9.28 -2.50
C GLY A 192 11.00 9.06 -3.48
N VAL A 193 11.37 8.91 -4.77
CA VAL A 193 10.44 8.66 -5.88
C VAL A 193 10.35 7.15 -6.15
N TYR A 194 9.12 6.61 -6.20
CA TYR A 194 8.87 5.16 -6.34
C TYR A 194 8.57 4.80 -7.80
N ALA A 195 9.30 3.85 -8.37
CA ALA A 195 8.96 3.31 -9.70
C ALA A 195 8.09 2.06 -9.54
N PHE A 196 6.95 2.01 -10.24
CA PHE A 196 6.09 0.82 -10.25
C PHE A 196 6.53 -0.08 -11.42
N ASN A 197 7.08 -1.28 -11.08
CA ASN A 197 7.39 -2.37 -12.02
C ASN A 197 6.29 -3.42 -11.86
N GLY A 198 5.52 -3.68 -12.92
CA GLY A 198 4.40 -4.62 -12.78
C GLY A 198 4.78 -5.96 -12.14
N GLY A 199 5.94 -6.49 -12.47
CA GLY A 199 6.37 -7.76 -11.88
C GLY A 199 5.84 -8.98 -12.64
N PRO A 200 6.06 -10.20 -12.12
CA PRO A 200 6.61 -10.51 -10.80
C PRO A 200 8.11 -10.83 -10.78
N THR A 201 8.83 -10.71 -11.90
CA THR A 201 10.29 -10.89 -11.84
C THR A 201 10.91 -9.67 -11.18
N TYR A 202 11.95 -9.88 -10.36
CA TYR A 202 12.71 -8.75 -9.85
C TYR A 202 13.32 -7.99 -11.02
N GLU A 203 13.64 -6.71 -10.81
CA GLU A 203 14.30 -5.90 -11.85
CA GLU A 203 14.27 -5.94 -11.89
C GLU A 203 15.63 -6.53 -12.27
N SER A 204 15.88 -6.63 -13.59
CA SER A 204 17.17 -7.14 -14.02
C SER A 204 18.24 -6.07 -13.75
N PRO A 205 19.52 -6.44 -13.74
CA PRO A 205 20.58 -5.42 -13.55
C PRO A 205 20.51 -4.27 -14.54
N ASP A 206 20.21 -4.53 -15.82
CA ASP A 206 20.11 -3.44 -16.78
C ASP A 206 18.84 -2.61 -16.57
N GLU A 207 17.74 -3.22 -16.12
CA GLU A 207 16.58 -2.42 -15.76
C GLU A 207 16.88 -1.52 -14.56
N SER A 208 17.56 -2.05 -13.54
CA SER A 208 17.93 -1.22 -12.39
C SER A 208 18.75 -0.01 -12.81
N ASN A 209 19.74 -0.23 -13.70
CA ASN A 209 20.60 0.87 -14.16
C ASN A 209 19.82 1.88 -15.00
N MET A 210 18.84 1.42 -15.77
CA MET A 210 17.94 2.38 -16.43
C MET A 210 17.15 3.21 -15.41
N LEU A 211 16.62 2.58 -14.34
CA LEU A 211 15.83 3.34 -13.37
C LEU A 211 16.68 4.38 -12.65
N LEU A 212 17.95 4.11 -12.45
CA LEU A 212 18.85 5.10 -11.88
C LEU A 212 18.97 6.33 -12.78
N LYS A 213 19.18 6.11 -14.09
CA LYS A 213 19.26 7.23 -15.05
C LYS A 213 17.99 8.06 -15.09
N LEU A 214 16.83 7.44 -14.87
CA LEU A 214 15.54 8.11 -14.94
C LEU A 214 15.14 8.82 -13.63
N GLY A 215 16.00 8.84 -12.61
CA GLY A 215 15.68 9.53 -11.38
C GLY A 215 14.79 8.78 -10.39
N CYS A 216 14.73 7.45 -10.45
CA CYS A 216 13.96 6.66 -9.48
C CYS A 216 14.83 6.34 -8.30
N ASP A 217 14.25 6.39 -7.10
CA ASP A 217 15.01 6.08 -5.89
C ASP A 217 14.74 4.67 -5.39
N VAL A 218 13.53 4.16 -5.64
CA VAL A 218 13.08 2.87 -5.13
C VAL A 218 12.24 2.23 -6.24
N VAL A 219 12.17 0.89 -6.28
CA VAL A 219 11.31 0.22 -7.26
C VAL A 219 10.53 -0.92 -6.57
N GLY A 220 9.25 -1.05 -6.88
CA GLY A 220 8.50 -2.18 -6.34
C GLY A 220 7.31 -2.55 -7.22
N MET A 221 6.51 -3.53 -6.74
CA MET A 221 5.45 -4.19 -7.52
C MET A 221 4.03 -3.92 -7.01
N SER A 222 3.85 -2.88 -6.18
CA SER A 222 2.55 -2.66 -5.58
C SER A 222 2.34 -1.16 -5.34
N THR A 223 1.29 -0.84 -4.57
CA THR A 223 1.06 0.46 -3.93
C THR A 223 0.52 1.54 -4.89
N VAL A 224 1.18 1.77 -6.03
CA VAL A 224 0.68 2.81 -6.98
C VAL A 224 -0.79 2.59 -7.40
N PRO A 225 -1.25 1.39 -7.71
CA PRO A 225 -2.70 1.24 -8.02
C PRO A 225 -3.62 1.70 -6.88
N GLU A 226 -3.34 1.28 -5.64
CA GLU A 226 -4.17 1.71 -4.50
C GLU A 226 -4.08 3.21 -4.28
N VAL A 227 -2.88 3.80 -4.43
CA VAL A 227 -2.75 5.25 -4.27
C VAL A 227 -3.64 5.99 -5.26
N ILE A 228 -3.66 5.53 -6.52
CA ILE A 228 -4.43 6.23 -7.56
C ILE A 228 -5.94 6.13 -7.28
N ILE A 229 -6.43 4.93 -6.88
CA ILE A 229 -7.86 4.79 -6.53
C ILE A 229 -8.22 5.67 -5.33
N ALA A 230 -7.34 5.71 -4.31
CA ALA A 230 -7.58 6.59 -3.16
C ALA A 230 -7.62 8.07 -3.56
N CYS A 231 -6.63 8.55 -4.32
CA CYS A 231 -6.60 9.96 -4.73
C CYS A 231 -7.82 10.34 -5.58
N HIS A 232 -8.26 9.42 -6.46
CA HIS A 232 -9.47 9.62 -7.27
C HIS A 232 -10.67 9.97 -6.41
N CYS A 233 -10.87 9.27 -5.26
CA CYS A 233 -12.06 9.50 -4.44
C CYS A 233 -11.79 10.37 -3.21
N GLY A 234 -10.65 11.07 -3.17
CA GLY A 234 -10.41 12.05 -2.12
C GLY A 234 -9.87 11.51 -0.80
N ILE A 235 -9.25 10.31 -0.78
CA ILE A 235 -8.63 9.78 0.44
C ILE A 235 -7.15 10.17 0.45
N LYS A 236 -6.68 10.75 1.56
CA LYS A 236 -5.28 11.11 1.72
C LYS A 236 -4.43 9.87 1.95
N VAL A 237 -3.16 9.89 1.49
CA VAL A 237 -2.31 8.70 1.51
C VAL A 237 -0.95 8.99 2.17
N LEU A 238 -0.47 8.04 2.99
CA LEU A 238 0.94 7.92 3.38
C LEU A 238 1.42 6.53 2.97
N ALA A 239 2.54 6.46 2.23
CA ALA A 239 3.09 5.18 1.77
C ALA A 239 4.57 5.09 2.14
N VAL A 240 4.97 3.99 2.78
CA VAL A 240 6.36 3.80 3.22
C VAL A 240 6.87 2.49 2.60
N SER A 241 8.06 2.53 2.01
CA SER A 241 8.75 1.33 1.53
C SER A 241 9.86 0.90 2.49
N LEU A 242 9.93 -0.41 2.78
CA LEU A 242 11.06 -0.99 3.50
C LEU A 242 12.03 -1.54 2.45
N ILE A 243 13.29 -1.08 2.47
CA ILE A 243 14.29 -1.44 1.47
C ILE A 243 14.90 -2.81 1.79
N ALA A 244 14.72 -3.78 0.89
CA ALA A 244 15.28 -5.12 1.09
C ALA A 244 16.77 -5.24 0.71
N ASN A 245 17.22 -4.47 -0.26
CA ASN A 245 18.55 -4.60 -0.84
C ASN A 245 18.75 -3.37 -1.68
N ASN A 246 20.01 -3.10 -2.05
CA ASN A 246 20.32 -2.05 -3.03
C ASN A 246 20.68 -2.74 -4.33
N SER A 247 19.76 -2.67 -5.32
CA SER A 247 19.94 -3.44 -6.54
C SER A 247 21.12 -2.98 -7.37
N ILE A 248 21.49 -1.69 -7.27
CA ILE A 248 22.64 -1.21 -8.04
C ILE A 248 23.92 -1.79 -7.47
N LEU A 249 24.07 -1.70 -6.14
CA LEU A 249 25.25 -2.30 -5.51
C LEU A 249 25.29 -3.80 -5.74
N ASP A 250 24.14 -4.48 -5.69
CA ASP A 250 24.15 -5.92 -5.90
C ASP A 250 24.61 -6.26 -7.34
N ALA A 251 24.22 -5.43 -8.31
CA ALA A 251 24.67 -5.69 -9.68
C ALA A 251 26.17 -5.53 -9.81
N GLU A 252 26.75 -4.48 -9.18
CA GLU A 252 28.21 -4.28 -9.24
C GLU A 252 28.98 -5.44 -8.62
N ASN A 253 28.41 -6.13 -7.63
CA ASN A 253 29.07 -7.24 -6.92
C ASN A 253 28.55 -8.62 -7.31
N ASP A 254 27.66 -8.70 -8.28
CA ASP A 254 27.08 -9.97 -8.77
C ASP A 254 26.39 -10.78 -7.65
N VAL A 255 25.54 -10.12 -6.87
CA VAL A 255 24.78 -10.72 -5.77
C VAL A 255 23.31 -10.81 -6.16
N SER A 256 22.72 -11.97 -5.94
CA SER A 256 21.31 -12.22 -6.28
C SER A 256 20.37 -11.74 -5.17
N ILE A 257 19.13 -11.39 -5.56
CA ILE A 257 18.04 -11.13 -4.61
C ILE A 257 17.04 -12.28 -4.68
N ASN A 258 16.47 -12.65 -3.53
CA ASN A 258 15.47 -13.70 -3.52
C ASN A 258 14.46 -13.38 -2.42
N HIS A 259 13.29 -14.02 -2.52
CA HIS A 259 12.20 -13.70 -1.58
C HIS A 259 12.56 -14.09 -0.15
N GLU A 260 13.43 -15.09 0.03
CA GLU A 260 13.84 -15.46 1.39
C GLU A 260 14.61 -14.32 2.06
N LYS A 261 15.54 -13.69 1.32
CA LYS A 261 16.27 -12.56 1.87
C LYS A 261 15.34 -11.40 2.17
N VAL A 262 14.34 -11.19 1.29
CA VAL A 262 13.35 -10.13 1.50
C VAL A 262 12.62 -10.33 2.82
N LEU A 263 12.13 -11.54 3.08
CA LEU A 263 11.35 -11.77 4.30
C LEU A 263 12.21 -11.66 5.57
N ALA A 264 13.51 -11.97 5.47
CA ALA A 264 14.37 -11.80 6.64
C ALA A 264 14.52 -10.33 7.02
N VAL A 265 14.62 -9.45 6.00
CA VAL A 265 14.63 -8.01 6.26
C VAL A 265 13.32 -7.57 6.91
N ALA A 266 12.20 -8.10 6.41
CA ALA A 266 10.91 -7.79 7.02
C ALA A 266 10.87 -8.22 8.49
N GLU A 267 11.41 -9.40 8.78
CA GLU A 267 11.47 -9.86 10.16
C GLU A 267 12.30 -8.90 11.02
N LYS A 268 13.38 -8.35 10.45
CA LYS A 268 14.30 -7.55 11.26
C LYS A 268 13.70 -6.21 11.67
N ARG A 269 12.80 -5.65 10.84
CA ARG A 269 12.21 -4.33 11.04
C ARG A 269 10.74 -4.36 11.49
N ALA A 270 10.12 -5.54 11.59
CA ALA A 270 8.67 -5.62 11.77
C ALA A 270 8.20 -4.93 13.05
N ASP A 271 8.92 -5.15 14.16
CA ASP A 271 8.47 -4.58 15.43
C ASP A 271 8.64 -3.06 15.49
N LEU A 272 9.73 -2.54 14.89
CA LEU A 272 9.89 -1.07 14.81
C LEU A 272 8.80 -0.44 13.96
N LEU A 273 8.48 -1.07 12.83
CA LEU A 273 7.46 -0.52 11.94
C LEU A 273 6.08 -0.54 12.59
N GLN A 274 5.75 -1.64 13.30
CA GLN A 274 4.47 -1.71 14.01
C GLN A 274 4.33 -0.58 15.02
N MET A 275 5.39 -0.33 15.79
CA MET A 275 5.36 0.75 16.77
C MET A 275 5.22 2.13 16.13
N TRP A 276 6.01 2.39 15.08
CA TRP A 276 5.93 3.62 14.30
C TRP A 276 4.51 3.90 13.80
N PHE A 277 3.90 2.90 13.15
CA PHE A 277 2.58 3.12 12.57
C PHE A 277 1.52 3.22 13.65
N LYS A 278 1.66 2.49 14.77
CA LYS A 278 0.71 2.67 15.85
C LYS A 278 0.70 4.13 16.31
N GLU A 279 1.89 4.76 16.38
CA GLU A 279 1.95 6.14 16.84
C GLU A 279 1.44 7.11 15.77
N ILE A 280 1.76 6.86 14.49
CA ILE A 280 1.21 7.70 13.42
C ILE A 280 -0.31 7.70 13.49
N ILE A 281 -0.91 6.51 13.64
CA ILE A 281 -2.36 6.39 13.75
C ILE A 281 -2.89 7.22 14.91
N THR A 282 -2.18 7.16 16.06
CA THR A 282 -2.62 7.88 17.25
C THR A 282 -2.61 9.39 17.04
N ARG A 283 -1.59 9.92 16.35
CA ARG A 283 -1.36 11.37 16.21
C ARG A 283 -2.01 11.98 14.97
N LEU A 284 -2.60 11.16 14.10
CA LEU A 284 -3.17 11.62 12.84
C LEU A 284 -4.22 12.72 13.03
N PRO A 285 -4.14 13.82 12.28
CA PRO A 285 -5.12 14.90 12.43
C PRO A 285 -6.53 14.46 12.05
N LEU A 286 -7.48 14.76 12.92
CA LEU A 286 -8.92 14.60 12.69
C LEU A 286 -9.36 15.27 11.36
#